data_6USP
#
_entry.id   6USP
#
_cell.length_a   100.378
_cell.length_b   100.378
_cell.length_c   167.999
_cell.angle_alpha   90.000
_cell.angle_beta   90.000
_cell.angle_gamma   120.000
#
_symmetry.space_group_name_H-M   'P 32 2 1'
#
loop_
_entity.id
_entity.type
_entity.pdbx_description
1 polymer 'Telomerase reverse transcriptase'
2 polymer "DNA (5'-D(P*GP*GP*TP*CP*AP*GP*GP*TP*CP*AP*GP*GP*TP*CP*AP*G)-3')"
3 polymer "DNA/RNA (5'-R(*CP*UP*GP*AP*CP*CP*UP*GP*AP*C)-D(P*CP*T)-R(P*GP*AP*C)-D(P*C)-3')"
4 non-polymer 'MAGNESIUM ION'
#
loop_
_entity_poly.entity_id
_entity_poly.type
_entity_poly.pdbx_seq_one_letter_code
_entity_poly.pdbx_strand_id
1 'polypeptide(L)'
;GMVHYYRLSLKSRQKAPKIVNSKYNSILNIALKNFRLCKKHKTKKPVQILALLQEIIPKSYFGTTTNLKRFYKVVEKILT
QSSFECIHLSVLHKCYDYDAIPWLQNVEPNLRPKLLLKHNLFLLDNIVKPIIAFYYKPIKTLNGHEIKFIRKEEYISFES
KVFHKLKKMKYLVEVQDEVKPRGVLNIIPKQDNFRAIVSIFPDSARKPFFKLLTSKIYKVLEEKYKTSGSLYTCWSEFTQ
KTQGQIYGIKVDIRDAYGNVKIPVLCKLIQSIPTHLLDSEKKNFIVDHISNQFVAFRRKIYKWNHGLLQGDPLSGCLCEL
YMAFMDRLYFSNLDKDAFIHRTVDDYFFCSPHPHKVYDFELLIKGVYQVNPTKTRTNLPTHRHPQDEIPYCGKIFNLTTR
QVRTLYKLPPNYEIRHKFKLWNFNNQISDDNPARFLQKAMDFPFICNSFTKFEFNTVFNDQRTVFANFYDAMICVAYKFD
AAMMALRTSFLVNDFGFIWLVLSSTVRAYASRAFKKIVTYKGGKYRKVTFQCLKSIAWRAFLAVLKRRTEIYKGLIDRIK
SREKLTMKFHDGEVDASYFCKLPEKFRFVKINRKASI
;
A
2 'polydeoxyribonucleotide' (DG)(DG)(DT)(DC)(DA)(DG)(DG)(DT)(DC)(DA)(DG)(DG)(DT)(DC)(DA)(DG) E
3 'polydeoxyribonucleotide/polyribonucleotide hybrid' CUGACCUGAC(DC)(DT)GAC(DC) F
#
# COMPACT_ATOMS: atom_id res chain seq x y z
N MET A 2 -3.42 -25.71 14.40
CA MET A 2 -2.49 -24.58 14.50
C MET A 2 -3.10 -23.32 13.90
N VAL A 3 -4.42 -23.32 13.69
CA VAL A 3 -5.12 -22.21 13.04
C VAL A 3 -5.95 -21.36 14.04
N HIS A 4 -5.51 -20.12 14.34
CA HIS A 4 -6.12 -19.23 15.33
C HIS A 4 -6.98 -18.14 14.69
N TYR A 5 -6.81 -17.91 13.38
CA TYR A 5 -7.22 -16.71 12.66
C TYR A 5 -8.40 -16.99 11.72
N TYR A 6 -9.25 -15.99 11.55
CA TYR A 6 -10.24 -15.90 10.48
C TYR A 6 -9.86 -14.75 9.55
N ARG A 7 -9.67 -15.05 8.24
CA ARG A 7 -9.44 -14.00 7.27
C ARG A 7 -10.75 -13.34 6.86
N LEU A 8 -10.72 -12.01 6.86
CA LEU A 8 -11.83 -11.13 6.56
C LEU A 8 -12.22 -11.00 5.10
N SER A 9 -11.43 -11.55 4.16
CA SER A 9 -11.63 -11.08 2.79
C SER A 9 -12.71 -11.88 2.14
N LEU A 10 -13.26 -11.32 1.06
CA LEU A 10 -14.48 -11.91 0.54
C LEU A 10 -14.24 -13.25 -0.14
N LYS A 11 -13.11 -13.42 -0.84
CA LYS A 11 -13.04 -14.67 -1.57
C LYS A 11 -12.87 -15.91 -0.67
N SER A 12 -12.61 -15.72 0.62
CA SER A 12 -12.70 -16.85 1.56
C SER A 12 -14.17 -17.36 1.71
N ARG A 13 -15.14 -16.73 1.02
CA ARG A 13 -16.57 -16.98 1.23
C ARG A 13 -16.94 -18.31 0.60
N GLN A 14 -17.93 -18.95 1.21
CA GLN A 14 -18.47 -20.20 0.69
C GLN A 14 -19.83 -19.91 0.01
N LYS A 15 -20.42 -20.96 -0.56
CA LYS A 15 -21.69 -20.84 -1.25
C LYS A 15 -22.69 -21.66 -0.44
N ALA A 16 -23.70 -20.97 0.08
CA ALA A 16 -24.64 -21.43 1.12
C ALA A 16 -25.46 -22.65 0.72
N PRO A 17 -25.47 -23.76 1.51
CA PRO A 17 -26.50 -24.77 1.24
C PRO A 17 -27.91 -24.19 1.42
N LYS A 18 -28.88 -24.92 0.87
CA LYS A 18 -30.24 -24.43 0.93
C LYS A 18 -30.82 -24.79 2.29
N ILE A 19 -30.36 -25.91 2.81
CA ILE A 19 -30.70 -26.48 4.10
C ILE A 19 -29.40 -26.64 4.86
N VAL A 20 -29.52 -26.49 6.12
CA VAL A 20 -28.38 -26.52 7.01
C VAL A 20 -28.14 -27.97 7.37
N ASN A 21 -26.86 -28.26 7.45
CA ASN A 21 -26.39 -29.57 7.81
C ASN A 21 -26.98 -29.99 9.15
N SER A 22 -27.00 -31.31 9.38
CA SER A 22 -27.66 -31.89 10.54
C SER A 22 -26.95 -31.69 11.90
N LYS A 23 -25.68 -31.25 11.92
CA LYS A 23 -24.96 -30.84 13.13
C LYS A 23 -25.13 -29.38 13.49
N TYR A 24 -25.97 -28.64 12.76
CA TYR A 24 -26.29 -27.24 13.02
C TYR A 24 -27.76 -27.16 13.38
N ASN A 25 -28.08 -26.31 14.35
CA ASN A 25 -29.45 -26.03 14.77
C ASN A 25 -30.23 -25.26 13.67
N SER A 26 -31.52 -25.64 13.47
CA SER A 26 -32.33 -25.21 12.32
C SER A 26 -32.96 -23.81 12.41
N ILE A 27 -32.59 -22.98 13.39
CA ILE A 27 -32.98 -21.58 13.24
C ILE A 27 -32.24 -20.96 12.06
N LEU A 28 -31.09 -21.55 11.70
CA LEU A 28 -30.27 -21.09 10.58
C LEU A 28 -31.01 -21.11 9.24
N ASN A 29 -31.83 -22.14 9.02
CA ASN A 29 -32.58 -22.29 7.78
C ASN A 29 -33.52 -21.11 7.57
N ILE A 30 -34.00 -20.56 8.68
CA ILE A 30 -34.77 -19.34 8.62
C ILE A 30 -33.93 -18.23 7.98
N ALA A 31 -32.67 -18.12 8.41
CA ALA A 31 -31.78 -17.09 7.90
C ALA A 31 -31.49 -17.28 6.42
N LEU A 32 -31.18 -18.51 6.02
CA LEU A 32 -30.89 -18.76 4.61
C LEU A 32 -32.08 -18.43 3.72
N LYS A 33 -33.29 -18.65 4.24
CA LYS A 33 -34.46 -18.40 3.44
C LYS A 33 -34.57 -16.90 3.20
N ASN A 34 -34.42 -16.14 4.29
CA ASN A 34 -34.42 -14.69 4.17
C ASN A 34 -33.29 -14.17 3.30
N PHE A 35 -32.20 -14.93 3.21
CA PHE A 35 -31.10 -14.52 2.34
C PHE A 35 -31.59 -14.51 0.89
N ARG A 36 -32.23 -15.61 0.46
CA ARG A 36 -32.75 -15.59 -0.91
C ARG A 36 -33.75 -14.46 -1.15
N LEU A 37 -34.63 -14.23 -0.17
CA LEU A 37 -35.66 -13.17 -0.31
C LEU A 37 -34.95 -11.82 -0.50
N CYS A 38 -33.86 -11.60 0.23
CA CYS A 38 -33.07 -10.34 0.13
C CYS A 38 -32.47 -10.21 -1.27
N LYS A 39 -31.99 -11.31 -1.85
CA LYS A 39 -31.36 -11.27 -3.16
C LYS A 39 -32.38 -11.07 -4.27
N LYS A 40 -33.51 -11.57 -4.03
CA LYS A 40 -34.56 -11.24 -5.01
C LYS A 40 -35.06 -9.79 -4.90
N HIS A 41 -34.60 -9.03 -3.90
CA HIS A 41 -35.01 -7.60 -3.87
C HIS A 41 -34.19 -6.90 -4.95
N LYS A 42 -34.82 -6.01 -5.73
CA LYS A 42 -34.08 -5.33 -6.83
C LYS A 42 -32.94 -4.50 -6.23
N THR A 43 -33.21 -3.81 -5.12
CA THR A 43 -32.20 -2.98 -4.41
C THR A 43 -31.58 -1.95 -5.36
N LYS A 44 -32.39 -1.31 -6.20
CA LYS A 44 -31.89 -0.29 -7.13
C LYS A 44 -31.30 0.88 -6.31
N LYS A 45 -32.00 1.26 -5.23
CA LYS A 45 -31.56 2.36 -4.34
C LYS A 45 -30.45 1.86 -3.42
N PRO A 46 -29.50 2.74 -3.07
CA PRO A 46 -28.39 2.36 -2.19
C PRO A 46 -28.87 1.97 -0.78
N VAL A 47 -28.35 0.86 -0.24
CA VAL A 47 -28.76 0.40 1.11
C VAL A 47 -27.52 -0.07 1.89
N GLN A 48 -27.52 0.16 3.21
CA GLN A 48 -26.38 -0.27 4.08
C GLN A 48 -26.44 -1.80 4.27
N ILE A 49 -25.29 -2.43 4.45
CA ILE A 49 -25.24 -3.89 4.65
C ILE A 49 -25.63 -4.26 6.08
N LEU A 50 -25.19 -3.33 6.95
CA LEU A 50 -25.55 -3.57 8.33
C LEU A 50 -27.07 -3.64 8.52
N ALA A 51 -27.78 -2.74 7.83
CA ALA A 51 -29.26 -2.67 7.87
C ALA A 51 -29.89 -3.88 7.18
N LEU A 52 -29.34 -4.27 6.01
CA LEU A 52 -29.88 -5.41 5.22
C LEU A 52 -29.75 -6.72 6.01
N LEU A 53 -28.62 -6.90 6.69
CA LEU A 53 -28.37 -8.14 7.48
C LEU A 53 -29.40 -8.26 8.61
N GLN A 54 -29.73 -7.14 9.25
CA GLN A 54 -30.70 -7.10 10.37
C GLN A 54 -32.03 -7.71 9.90
N GLU A 55 -32.47 -7.38 8.68
CA GLU A 55 -33.73 -7.94 8.20
C GLU A 55 -33.55 -9.33 7.56
N ILE A 56 -32.36 -9.94 7.74
CA ILE A 56 -32.05 -11.29 7.28
C ILE A 56 -31.82 -12.26 8.44
N ILE A 57 -31.02 -11.85 9.41
CA ILE A 57 -30.72 -12.66 10.60
C ILE A 57 -31.69 -12.29 11.72
N PRO A 58 -32.52 -13.24 12.20
CA PRO A 58 -33.49 -12.94 13.28
C PRO A 58 -32.85 -12.47 14.57
N LYS A 59 -33.47 -11.47 15.20
CA LYS A 59 -32.99 -11.11 16.51
C LYS A 59 -33.01 -12.33 17.41
N SER A 60 -33.97 -13.25 17.18
CA SER A 60 -34.17 -14.45 17.97
C SER A 60 -32.95 -15.35 18.05
N TYR A 61 -32.01 -15.15 17.13
CA TYR A 61 -30.76 -15.91 17.16
C TYR A 61 -29.77 -15.45 18.23
N PHE A 62 -29.71 -14.14 18.54
CA PHE A 62 -28.88 -13.61 19.63
C PHE A 62 -29.60 -13.41 20.97
N GLY A 63 -30.93 -13.29 20.98
CA GLY A 63 -31.63 -13.02 22.21
C GLY A 63 -31.44 -11.55 22.56
N THR A 64 -30.25 -11.15 23.00
CA THR A 64 -30.00 -9.79 23.47
C THR A 64 -29.33 -8.92 22.40
N THR A 65 -29.56 -7.60 22.54
CA THR A 65 -29.01 -6.62 21.61
C THR A 65 -27.50 -6.56 21.79
N THR A 66 -27.02 -6.71 23.02
CA THR A 66 -25.60 -6.72 23.30
C THR A 66 -24.85 -7.84 22.56
N ASN A 67 -25.41 -9.06 22.52
CA ASN A 67 -24.82 -10.13 21.70
C ASN A 67 -24.78 -9.73 20.23
N LEU A 68 -25.90 -9.20 19.74
CA LEU A 68 -25.99 -8.82 18.34
C LEU A 68 -24.95 -7.75 18.00
N LYS A 69 -24.77 -6.73 18.87
CA LYS A 69 -23.80 -5.69 18.55
C LYS A 69 -22.40 -6.29 18.51
N ARG A 70 -22.20 -7.36 19.30
CA ARG A 70 -20.89 -7.97 19.30
C ARG A 70 -20.63 -8.55 17.91
N PHE A 71 -21.62 -9.27 17.38
CA PHE A 71 -21.52 -9.90 16.04
C PHE A 71 -21.48 -8.81 14.97
N TYR A 72 -22.08 -7.65 15.23
CA TYR A 72 -22.04 -6.59 14.18
C TYR A 72 -20.65 -5.93 14.17
N LYS A 73 -19.93 -5.99 15.30
CA LYS A 73 -18.56 -5.41 15.35
C LYS A 73 -17.70 -6.13 14.31
N VAL A 74 -17.99 -7.41 14.05
CA VAL A 74 -17.23 -8.20 13.09
C VAL A 74 -17.73 -7.92 11.67
N VAL A 75 -19.05 -7.85 11.47
CA VAL A 75 -19.50 -7.52 10.12
C VAL A 75 -18.89 -6.20 9.70
N GLU A 76 -18.91 -5.21 10.60
CA GLU A 76 -18.34 -3.90 10.34
C GLU A 76 -16.86 -4.00 9.99
N LYS A 77 -16.11 -4.81 10.75
CA LYS A 77 -14.70 -5.00 10.43
C LYS A 77 -14.56 -5.53 9.01
N ILE A 78 -15.40 -6.51 8.62
CA ILE A 78 -15.37 -7.02 7.25
C ILE A 78 -15.62 -5.88 6.27
N LEU A 79 -16.66 -5.09 6.55
CA LEU A 79 -17.08 -4.01 5.68
C LEU A 79 -16.07 -2.89 5.63
N THR A 80 -15.09 -2.92 6.52
CA THR A 80 -14.06 -1.91 6.60
C THR A 80 -12.67 -2.50 6.47
N GLN A 81 -12.56 -3.67 5.84
CA GLN A 81 -11.37 -4.48 6.01
C GLN A 81 -10.16 -3.87 5.30
N SER A 82 -8.98 -4.24 5.81
CA SER A 82 -7.71 -4.11 5.10
C SER A 82 -7.47 -5.42 4.37
N SER A 83 -6.77 -5.38 3.26
CA SER A 83 -6.27 -6.66 2.74
C SER A 83 -5.49 -7.40 3.83
N PHE A 84 -5.61 -8.73 3.83
CA PHE A 84 -4.90 -9.63 4.74
C PHE A 84 -5.35 -9.53 6.17
N GLU A 85 -6.15 -8.53 6.53
CA GLU A 85 -6.53 -8.38 7.93
C GLU A 85 -7.25 -9.65 8.36
N CYS A 86 -7.03 -10.01 9.62
CA CYS A 86 -7.63 -11.16 10.25
C CYS A 86 -8.24 -10.73 11.58
N ILE A 87 -9.02 -11.64 12.15
CA ILE A 87 -9.36 -11.63 13.57
C ILE A 87 -9.09 -13.01 14.12
N HIS A 88 -9.05 -13.11 15.45
CA HIS A 88 -8.97 -14.44 16.04
C HIS A 88 -10.26 -15.20 15.86
N LEU A 89 -10.17 -16.49 15.61
CA LEU A 89 -11.42 -17.22 15.66
C LEU A 89 -12.02 -17.10 17.05
N SER A 90 -11.16 -16.94 18.06
CA SER A 90 -11.57 -16.95 19.49
C SER A 90 -12.63 -15.89 19.79
N VAL A 91 -12.53 -14.72 19.15
CA VAL A 91 -13.51 -13.62 19.41
C VAL A 91 -14.93 -14.08 19.06
N LEU A 92 -15.11 -14.92 18.04
CA LEU A 92 -16.44 -15.29 17.57
C LEU A 92 -17.34 -15.83 18.67
N HIS A 93 -16.80 -16.06 19.87
CA HIS A 93 -17.59 -16.69 20.91
C HIS A 93 -17.27 -16.18 22.31
N LYS A 94 -16.03 -15.76 22.55
CA LYS A 94 -15.64 -15.30 23.88
C LYS A 94 -16.48 -14.09 24.29
N CYS A 95 -16.88 -14.06 25.59
CA CYS A 95 -17.54 -12.95 26.30
C CYS A 95 -19.02 -12.74 25.92
N TYR A 96 -19.65 -13.71 25.24
CA TYR A 96 -21.06 -13.58 24.87
C TYR A 96 -21.97 -13.85 26.08
N ASP A 97 -23.18 -13.28 26.04
CA ASP A 97 -24.21 -13.51 27.06
C ASP A 97 -24.98 -14.78 26.63
N TYR A 98 -24.44 -15.94 27.03
CA TYR A 98 -25.02 -17.25 26.63
C TYR A 98 -26.46 -17.38 27.12
N ASP A 99 -26.74 -16.89 28.32
CA ASP A 99 -28.09 -17.01 28.87
C ASP A 99 -29.15 -16.63 27.84
N ALA A 100 -28.93 -15.55 27.09
CA ALA A 100 -29.92 -14.89 26.25
C ALA A 100 -30.10 -15.57 24.92
N ILE A 101 -29.31 -16.61 24.69
CA ILE A 101 -29.32 -17.32 23.42
C ILE A 101 -30.36 -18.43 23.56
N PRO A 102 -31.51 -18.32 22.90
CA PRO A 102 -32.65 -19.18 23.27
C PRO A 102 -32.41 -20.65 23.01
N TRP A 103 -31.85 -20.97 21.84
CA TRP A 103 -31.58 -22.31 21.37
C TRP A 103 -30.43 -23.03 22.07
N LEU A 104 -29.81 -22.43 23.08
CA LEU A 104 -28.75 -23.11 23.81
C LEU A 104 -29.10 -23.44 25.24
N GLN A 105 -30.31 -23.19 25.69
CA GLN A 105 -30.58 -23.50 27.07
C GLN A 105 -30.54 -25.02 27.25
N ASN A 106 -30.89 -25.75 26.19
CA ASN A 106 -31.00 -27.20 26.16
C ASN A 106 -29.66 -27.89 25.98
N VAL A 107 -28.61 -27.16 25.58
CA VAL A 107 -27.32 -27.76 25.26
C VAL A 107 -26.46 -27.49 26.47
N GLU A 108 -25.64 -28.46 26.87
CA GLU A 108 -24.92 -28.27 28.13
C GLU A 108 -23.99 -27.06 28.07
N PRO A 109 -23.90 -26.28 29.17
CA PRO A 109 -23.11 -25.04 29.15
C PRO A 109 -21.70 -25.20 28.61
N ASN A 110 -20.99 -26.24 29.05
CA ASN A 110 -19.62 -26.45 28.62
C ASN A 110 -19.53 -26.82 27.14
N LEU A 111 -20.67 -27.09 26.49
CA LEU A 111 -20.72 -27.41 25.07
C LEU A 111 -21.05 -26.20 24.21
N ARG A 112 -21.48 -25.10 24.81
CA ARG A 112 -22.06 -23.98 24.06
C ARG A 112 -21.04 -23.20 23.19
N PRO A 113 -19.83 -22.88 23.68
CA PRO A 113 -18.93 -22.00 22.89
C PRO A 113 -18.51 -22.57 21.55
N LYS A 114 -18.33 -23.89 21.46
CA LYS A 114 -17.95 -24.50 20.19
C LYS A 114 -19.12 -24.58 19.21
N LEU A 115 -20.35 -24.61 19.72
CA LEU A 115 -21.50 -24.48 18.84
C LEU A 115 -21.60 -23.06 18.29
N LEU A 116 -21.44 -22.05 19.17
CA LEU A 116 -21.50 -20.67 18.70
C LEU A 116 -20.40 -20.28 17.73
N LEU A 117 -19.18 -20.78 17.91
CA LEU A 117 -18.15 -20.38 16.96
C LEU A 117 -18.47 -20.91 15.56
N LYS A 118 -18.86 -22.19 15.45
CA LYS A 118 -19.10 -22.74 14.12
C LYS A 118 -20.38 -22.19 13.52
N HIS A 119 -21.34 -21.77 14.36
CA HIS A 119 -22.56 -21.18 13.83
C HIS A 119 -22.29 -19.78 13.32
N ASN A 120 -21.43 -19.05 14.03
CA ASN A 120 -21.00 -17.72 13.58
C ASN A 120 -20.07 -17.80 12.36
N LEU A 121 -19.15 -18.77 12.35
CA LEU A 121 -18.40 -19.07 11.13
C LEU A 121 -19.36 -19.35 10.00
N PHE A 122 -20.38 -20.18 10.26
CA PHE A 122 -21.33 -20.55 9.17
C PHE A 122 -22.07 -19.32 8.65
N LEU A 123 -22.53 -18.45 9.55
CA LEU A 123 -23.27 -17.22 9.16
C LEU A 123 -22.36 -16.26 8.38
N LEU A 124 -21.10 -16.14 8.82
CA LEU A 124 -20.11 -15.24 8.24
C LEU A 124 -19.71 -15.68 6.84
N ASP A 125 -19.59 -17.00 6.64
CA ASP A 125 -19.08 -17.53 5.39
C ASP A 125 -20.18 -17.67 4.34
N ASN A 126 -21.40 -18.00 4.77
CA ASN A 126 -22.51 -18.30 3.88
C ASN A 126 -23.54 -17.18 3.71
N ILE A 127 -23.55 -16.14 4.56
CA ILE A 127 -24.55 -15.09 4.48
C ILE A 127 -23.94 -13.69 4.34
N VAL A 128 -22.96 -13.37 5.19
CA VAL A 128 -22.46 -12.00 5.26
C VAL A 128 -21.57 -11.55 4.11
N LYS A 129 -20.64 -12.40 3.75
CA LYS A 129 -19.73 -12.10 2.68
C LYS A 129 -20.44 -12.33 1.38
N PRO A 130 -21.25 -13.41 1.26
CA PRO A 130 -22.03 -13.57 0.04
C PRO A 130 -22.86 -12.36 -0.28
N ILE A 131 -23.44 -11.72 0.73
CA ILE A 131 -24.27 -10.56 0.46
C ILE A 131 -23.42 -9.35 0.10
N ILE A 132 -22.32 -9.14 0.82
CA ILE A 132 -21.44 -8.01 0.44
C ILE A 132 -21.02 -8.17 -1.01
N ALA A 133 -20.63 -9.40 -1.38
CA ALA A 133 -20.21 -9.69 -2.74
C ALA A 133 -21.38 -9.48 -3.70
N PHE A 134 -22.58 -9.86 -3.27
CA PHE A 134 -23.77 -9.72 -4.08
C PHE A 134 -23.95 -8.28 -4.55
N TYR A 135 -23.59 -7.31 -3.70
CA TYR A 135 -23.87 -5.91 -4.09
C TYR A 135 -22.61 -5.14 -4.49
N TYR A 136 -21.42 -5.56 -4.04
CA TYR A 136 -20.22 -4.74 -4.36
C TYR A 136 -19.01 -5.58 -4.80
N LYS A 137 -17.99 -4.86 -5.28
CA LYS A 137 -16.66 -5.37 -5.70
C LYS A 137 -15.54 -4.70 -4.90
N PRO A 138 -14.67 -5.45 -4.21
CA PRO A 138 -13.51 -4.83 -3.54
C PRO A 138 -12.35 -4.57 -4.50
N ILE A 139 -11.91 -3.31 -4.60
CA ILE A 139 -10.69 -3.02 -5.36
C ILE A 139 -9.64 -2.43 -4.42
N LYS A 140 -8.42 -2.94 -4.51
CA LYS A 140 -7.31 -2.48 -3.69
C LYS A 140 -6.69 -1.24 -4.33
N THR A 141 -6.63 -0.13 -3.59
CA THR A 141 -6.14 1.16 -4.08
C THR A 141 -4.62 1.27 -4.21
N LEU A 142 -3.84 0.33 -3.69
CA LEU A 142 -2.38 0.42 -3.73
C LEU A 142 -1.85 1.62 -2.99
N ASN A 143 -2.70 2.28 -2.23
CA ASN A 143 -2.23 3.13 -1.14
C ASN A 143 -2.22 2.21 0.07
N GLY A 144 -1.03 1.76 0.46
CA GLY A 144 -1.02 0.72 1.45
C GLY A 144 -1.94 -0.39 0.97
N HIS A 145 -2.69 -0.94 1.94
CA HIS A 145 -3.63 -2.04 1.74
C HIS A 145 -5.05 -1.54 1.72
N GLU A 146 -5.26 -0.25 1.47
CA GLU A 146 -6.63 0.20 1.48
C GLU A 146 -7.41 -0.56 0.43
N ILE A 147 -8.61 -1.00 0.80
CA ILE A 147 -9.54 -1.65 -0.10
C ILE A 147 -10.77 -0.77 -0.10
N LYS A 148 -11.19 -0.31 -1.27
CA LYS A 148 -12.43 0.41 -1.42
C LYS A 148 -13.46 -0.52 -2.07
N PHE A 149 -14.66 -0.54 -1.52
CA PHE A 149 -15.79 -1.24 -2.12
C PHE A 149 -16.59 -0.31 -3.00
N ILE A 150 -16.97 -0.80 -4.18
CA ILE A 150 -17.76 0.02 -5.14
C ILE A 150 -19.05 -0.74 -5.50
N ARG A 151 -20.15 -0.04 -5.72
CA ARG A 151 -21.39 -0.72 -6.08
C ARG A 151 -21.20 -1.49 -7.38
N LYS A 152 -21.79 -2.68 -7.46
CA LYS A 152 -21.60 -3.55 -8.65
C LYS A 152 -22.14 -2.82 -9.88
N GLU A 153 -23.32 -2.20 -9.76
CA GLU A 153 -23.91 -1.48 -10.92
C GLU A 153 -22.97 -0.34 -11.32
N GLU A 154 -22.39 0.35 -10.34
CA GLU A 154 -21.47 1.49 -10.61
C GLU A 154 -20.19 0.99 -11.30
N TYR A 155 -19.50 0.02 -10.70
CA TYR A 155 -18.24 -0.52 -11.25
C TYR A 155 -18.46 -1.08 -12.66
N ILE A 156 -19.45 -1.97 -12.81
CA ILE A 156 -19.75 -2.61 -14.13
C ILE A 156 -19.89 -1.53 -15.20
N SER A 157 -20.69 -0.49 -14.94
CA SER A 157 -20.87 0.62 -15.92
C SER A 157 -19.51 1.15 -16.36
N PHE A 158 -18.69 1.57 -15.40
CA PHE A 158 -17.33 2.10 -15.69
C PHE A 158 -16.55 1.06 -16.52
N GLU A 159 -16.56 -0.19 -16.07
CA GLU A 159 -15.85 -1.30 -16.76
C GLU A 159 -16.23 -1.29 -18.25
N SER A 160 -17.53 -1.46 -18.54
CA SER A 160 -18.04 -1.47 -19.92
C SER A 160 -17.64 -0.17 -20.63
N LYS A 161 -17.81 0.97 -19.96
CA LYS A 161 -17.47 2.29 -20.53
C LYS A 161 -16.03 2.25 -21.08
N VAL A 162 -15.04 2.01 -20.20
CA VAL A 162 -13.61 1.97 -20.61
C VAL A 162 -13.42 0.86 -21.64
N PHE A 163 -14.07 -0.29 -21.44
CA PHE A 163 -13.93 -1.42 -22.38
C PHE A 163 -14.33 -1.01 -23.78
N HIS A 164 -15.38 -0.22 -23.90
CA HIS A 164 -15.75 0.27 -25.21
C HIS A 164 -14.68 1.22 -25.71
N LYS A 165 -14.13 2.10 -24.84
CA LYS A 165 -13.04 2.96 -25.33
C LYS A 165 -11.87 2.15 -25.88
N LEU A 166 -11.46 1.15 -25.10
CA LEU A 166 -10.29 0.29 -25.43
C LEU A 166 -10.63 -0.50 -26.71
N LYS A 167 -11.92 -0.61 -27.06
CA LYS A 167 -12.30 -1.38 -28.23
C LYS A 167 -12.31 -0.46 -29.44
N LYS A 168 -12.70 0.81 -29.20
CA LYS A 168 -12.67 1.90 -30.17
C LYS A 168 -11.24 2.22 -30.56
N MET A 169 -10.51 2.87 -29.65
CA MET A 169 -9.05 2.89 -29.71
C MET A 169 -8.63 1.44 -29.87
N LYS A 170 -7.95 1.08 -30.96
CA LYS A 170 -7.84 -0.37 -31.23
C LYS A 170 -6.84 -1.09 -30.31
N TYR A 171 -6.82 -0.76 -29.01
CA TYR A 171 -5.89 -1.34 -28.04
C TYR A 171 -6.20 -2.82 -27.80
N LEU A 172 -7.49 -3.18 -27.81
CA LEU A 172 -7.99 -4.52 -27.54
C LEU A 172 -8.83 -5.06 -28.71
N VAL A 173 -8.39 -6.16 -29.33
CA VAL A 173 -9.06 -6.67 -30.55
C VAL A 173 -9.51 -8.14 -30.37
N GLU A 174 -10.82 -8.37 -30.45
CA GLU A 174 -11.39 -9.72 -30.23
C GLU A 174 -11.22 -10.58 -31.49
N VAL A 175 -10.51 -11.70 -31.38
CA VAL A 175 -10.31 -12.62 -32.54
C VAL A 175 -11.06 -13.94 -32.31
N GLN A 176 -10.93 -14.88 -33.23
CA GLN A 176 -11.76 -16.11 -33.15
C GLN A 176 -10.92 -17.35 -32.80
N ASP A 177 -9.61 -17.33 -33.07
CA ASP A 177 -8.79 -18.53 -32.73
C ASP A 177 -8.84 -18.71 -31.21
N GLU A 178 -9.05 -19.95 -30.75
CA GLU A 178 -9.08 -20.20 -29.28
C GLU A 178 -7.61 -20.30 -28.87
N VAL A 179 -6.91 -19.16 -28.97
CA VAL A 179 -5.48 -19.13 -28.71
C VAL A 179 -5.43 -19.06 -27.18
N LYS A 180 -4.43 -19.64 -26.56
CA LYS A 180 -4.49 -19.56 -25.10
C LYS A 180 -4.33 -18.16 -24.55
N PRO A 181 -5.30 -17.66 -23.75
CA PRO A 181 -5.09 -16.39 -23.09
C PRO A 181 -4.16 -16.68 -21.94
N ARG A 182 -3.33 -15.70 -21.66
CA ARG A 182 -2.39 -15.80 -20.57
C ARG A 182 -2.94 -15.36 -19.23
N GLY A 183 -3.97 -14.54 -19.22
CA GLY A 183 -4.56 -14.13 -17.98
C GLY A 183 -5.87 -13.45 -18.22
N VAL A 184 -6.41 -12.87 -17.17
CA VAL A 184 -7.68 -12.17 -17.25
C VAL A 184 -7.40 -10.68 -17.17
N LEU A 185 -8.03 -9.92 -18.05
CA LEU A 185 -7.93 -8.48 -17.97
C LEU A 185 -8.83 -7.93 -16.87
N ASN A 186 -8.32 -6.95 -16.13
CA ASN A 186 -9.06 -6.16 -15.15
C ASN A 186 -8.95 -4.67 -15.41
N ILE A 187 -10.07 -3.96 -15.24
CA ILE A 187 -10.13 -2.48 -15.42
C ILE A 187 -10.27 -1.87 -14.02
N ILE A 188 -9.19 -1.25 -13.54
CA ILE A 188 -9.16 -0.65 -12.17
C ILE A 188 -8.94 0.86 -12.32
N PRO A 189 -9.91 1.65 -11.85
CA PRO A 189 -9.87 3.11 -11.94
C PRO A 189 -8.75 3.76 -11.11
N LYS A 190 -8.14 4.81 -11.69
CA LYS A 190 -7.09 5.63 -11.05
C LYS A 190 -7.67 7.02 -10.72
N GLN A 191 -6.83 8.06 -10.75
CA GLN A 191 -7.24 9.46 -10.41
C GLN A 191 -8.29 10.03 -11.39
N ASP A 192 -8.09 9.85 -12.70
CA ASP A 192 -9.03 10.39 -13.73
C ASP A 192 -9.23 9.31 -14.79
N ASN A 193 -8.14 8.63 -15.13
CA ASN A 193 -8.09 7.46 -16.05
C ASN A 193 -8.45 6.14 -15.36
N PHE A 194 -7.92 5.05 -15.94
CA PHE A 194 -8.12 3.68 -15.57
C PHE A 194 -6.75 3.01 -15.63
N ARG A 195 -6.71 1.74 -15.27
CA ARG A 195 -5.55 0.91 -15.52
C ARG A 195 -6.07 -0.44 -15.98
N ALA A 196 -5.79 -0.77 -17.24
CA ALA A 196 -5.99 -2.11 -17.78
C ALA A 196 -4.82 -2.97 -17.39
N ILE A 197 -5.09 -4.08 -16.69
CA ILE A 197 -3.99 -4.94 -16.27
C ILE A 197 -4.38 -6.38 -16.50
N VAL A 198 -3.37 -7.24 -16.55
CA VAL A 198 -3.57 -8.67 -16.76
C VAL A 198 -3.19 -9.40 -15.49
N SER A 199 -4.04 -10.37 -15.09
CA SER A 199 -3.74 -11.30 -14.02
C SER A 199 -3.33 -12.61 -14.65
N ILE A 200 -2.05 -12.96 -14.51
CA ILE A 200 -1.51 -14.13 -15.20
C ILE A 200 -2.07 -15.36 -14.53
N PHE A 201 -2.59 -16.29 -15.30
CA PHE A 201 -2.96 -17.54 -14.69
C PHE A 201 -1.65 -18.04 -14.11
N PRO A 202 -1.58 -18.36 -12.79
CA PRO A 202 -0.29 -18.92 -12.38
C PRO A 202 -0.09 -20.04 -13.38
N ASP A 203 1.01 -19.96 -14.13
CA ASP A 203 1.42 -20.93 -15.19
C ASP A 203 1.87 -22.28 -14.57
N SER A 204 1.86 -23.36 -15.37
CA SER A 204 2.24 -24.73 -14.87
C SER A 204 3.78 -24.87 -14.88
N ALA A 205 4.51 -24.44 -13.84
CA ALA A 205 5.99 -24.50 -13.70
C ALA A 205 6.73 -23.79 -14.87
N ARG A 206 6.16 -22.70 -15.39
CA ARG A 206 6.82 -21.86 -16.43
C ARG A 206 7.35 -20.56 -15.80
N LYS A 207 6.98 -20.29 -14.54
CA LYS A 207 7.41 -19.07 -13.81
C LYS A 207 8.93 -19.08 -13.64
N PRO A 208 9.50 -20.24 -13.28
CA PRO A 208 10.96 -20.33 -13.11
C PRO A 208 11.64 -19.87 -14.42
N PHE A 209 11.06 -20.24 -15.56
CA PHE A 209 11.59 -19.85 -16.89
C PHE A 209 11.55 -18.31 -17.03
N PHE A 210 10.47 -17.68 -16.54
CA PHE A 210 10.40 -16.23 -16.65
C PHE A 210 11.35 -15.56 -15.66
N LYS A 211 11.52 -16.16 -14.47
CA LYS A 211 12.56 -15.74 -13.52
C LYS A 211 13.95 -15.75 -14.15
N LEU A 212 14.22 -16.81 -14.90
CA LEU A 212 15.52 -16.95 -15.52
C LEU A 212 15.74 -15.91 -16.61
N LEU A 213 14.73 -15.71 -17.44
CA LEU A 213 14.88 -14.73 -18.51
C LEU A 213 15.00 -13.33 -17.95
N THR A 214 14.25 -13.04 -16.89
CA THR A 214 14.35 -11.74 -16.29
C THR A 214 15.74 -11.46 -15.75
N SER A 215 16.34 -12.43 -15.08
CA SER A 215 17.69 -12.16 -14.58
C SER A 215 18.66 -11.98 -15.74
N LYS A 216 18.52 -12.82 -16.78
CA LYS A 216 19.46 -12.78 -17.90
C LYS A 216 19.41 -11.45 -18.65
N ILE A 217 18.28 -10.77 -18.67
CA ILE A 217 18.29 -9.50 -19.39
C ILE A 217 18.71 -8.36 -18.47
N TYR A 218 18.46 -8.50 -17.19
CA TYR A 218 19.03 -7.53 -16.30
C TYR A 218 20.53 -7.52 -16.44
N LYS A 219 21.13 -8.68 -16.71
CA LYS A 219 22.56 -8.69 -16.96
C LYS A 219 22.98 -7.85 -18.17
N VAL A 220 22.12 -7.81 -19.19
CA VAL A 220 22.40 -6.98 -20.41
C VAL A 220 22.21 -5.50 -20.07
N LEU A 221 21.23 -5.19 -19.22
CA LEU A 221 20.93 -3.79 -18.82
C LEU A 221 22.14 -3.20 -18.08
N GLU A 222 22.64 -3.89 -17.05
CA GLU A 222 23.79 -3.39 -16.27
C GLU A 222 25.03 -3.34 -17.16
N GLU A 223 25.10 -4.22 -18.17
CA GLU A 223 26.25 -4.27 -19.12
C GLU A 223 26.40 -3.33 -20.32
N LYS A 224 25.59 -3.56 -21.36
CA LYS A 224 25.66 -2.77 -22.63
C LYS A 224 25.07 -1.37 -22.42
N TYR A 225 24.39 -1.15 -21.29
CA TYR A 225 23.79 0.17 -20.99
C TYR A 225 24.46 0.73 -19.73
N LYS A 226 24.68 2.04 -19.70
CA LYS A 226 25.32 2.70 -18.54
C LYS A 226 24.36 2.70 -17.34
N THR A 227 24.93 2.78 -16.13
CA THR A 227 24.17 2.80 -14.89
C THR A 227 23.43 4.15 -14.83
N SER A 228 22.26 4.14 -14.18
CA SER A 228 21.40 5.31 -14.05
C SER A 228 21.63 6.04 -12.73
N GLY A 229 22.75 5.74 -12.06
CA GLY A 229 23.11 6.33 -10.79
C GLY A 229 22.65 5.57 -9.57
N SER A 230 22.84 6.17 -8.39
CA SER A 230 22.44 5.48 -7.15
C SER A 230 21.40 6.28 -6.37
N LEU A 231 21.04 7.48 -6.88
CA LEU A 231 20.10 8.49 -6.32
C LEU A 231 20.70 9.20 -5.09
N TYR A 232 21.04 8.45 -4.03
CA TYR A 232 21.68 8.99 -2.81
C TYR A 232 23.05 9.56 -3.16
N THR A 233 23.82 8.90 -4.04
CA THR A 233 25.13 9.46 -4.33
C THR A 233 25.01 10.57 -5.37
N CYS A 234 24.16 10.40 -6.38
CA CYS A 234 23.96 11.43 -7.38
C CYS A 234 23.55 12.77 -6.76
N TRP A 235 22.60 12.73 -5.81
CA TRP A 235 22.13 13.94 -5.16
C TRP A 235 23.12 14.48 -4.14
N SER A 236 23.99 13.61 -3.58
CA SER A 236 25.08 14.06 -2.71
C SER A 236 26.09 14.90 -3.53
N GLU A 237 26.65 14.26 -4.59
CA GLU A 237 27.67 14.92 -5.41
C GLU A 237 27.15 16.18 -6.06
N PHE A 238 25.94 16.16 -6.65
CA PHE A 238 25.49 17.35 -7.39
C PHE A 238 25.28 18.54 -6.46
N THR A 239 24.73 18.31 -5.26
CA THR A 239 24.59 19.43 -4.33
C THR A 239 25.98 19.96 -3.92
N GLN A 240 27.01 19.08 -3.89
CA GLN A 240 28.36 19.61 -3.63
C GLN A 240 29.00 20.34 -4.84
N LYS A 241 28.83 19.80 -6.04
CA LYS A 241 29.38 20.44 -7.27
C LYS A 241 28.67 21.77 -7.59
N THR A 242 27.42 21.94 -7.12
CA THR A 242 26.60 23.08 -7.50
C THR A 242 26.26 23.84 -6.22
N GLN A 243 26.63 25.11 -6.18
CA GLN A 243 26.39 25.95 -5.02
C GLN A 243 25.34 27.07 -5.23
N GLY A 244 24.90 27.33 -6.47
CA GLY A 244 23.87 28.32 -6.72
C GLY A 244 22.46 27.74 -6.70
N GLN A 245 21.46 28.63 -6.89
CA GLN A 245 20.06 28.18 -6.93
C GLN A 245 19.94 27.12 -8.02
N ILE A 246 19.54 25.93 -7.57
CA ILE A 246 19.30 24.78 -8.42
C ILE A 246 17.96 24.98 -9.14
N TYR A 247 17.92 24.52 -10.39
CA TYR A 247 16.69 24.48 -11.17
C TYR A 247 16.46 23.04 -11.61
N GLY A 248 15.20 22.61 -11.52
CA GLY A 248 14.88 21.21 -11.79
C GLY A 248 13.45 20.98 -12.23
N ILE A 249 13.25 19.76 -12.71
CA ILE A 249 11.93 19.29 -13.15
C ILE A 249 11.83 17.77 -12.93
N LYS A 250 10.67 17.33 -12.41
CA LYS A 250 10.20 15.94 -12.49
C LYS A 250 9.00 15.79 -13.44
N VAL A 251 9.17 14.97 -14.48
CA VAL A 251 8.06 14.76 -15.47
C VAL A 251 7.60 13.31 -15.35
N ASP A 252 6.29 13.11 -15.50
CA ASP A 252 5.60 11.80 -15.36
C ASP A 252 5.04 11.37 -16.72
N ILE A 253 5.67 10.38 -17.37
CA ILE A 253 5.13 9.88 -18.67
C ILE A 253 3.84 9.10 -18.38
N ARG A 254 2.80 9.33 -19.18
CA ARG A 254 1.53 8.67 -18.96
C ARG A 254 1.54 7.43 -19.82
N ASP A 255 1.35 6.28 -19.17
CA ASP A 255 1.27 5.02 -19.89
C ASP A 255 2.58 4.74 -20.60
N ALA A 256 3.63 4.60 -19.78
CA ALA A 256 4.94 4.23 -20.33
C ALA A 256 4.81 2.92 -21.08
N TYR A 257 4.16 1.93 -20.45
CA TYR A 257 3.90 0.66 -21.09
C TYR A 257 3.11 0.85 -22.37
N GLY A 258 2.06 1.66 -22.31
CA GLY A 258 1.24 1.74 -23.49
C GLY A 258 1.96 2.40 -24.65
N ASN A 259 2.96 3.23 -24.36
CA ASN A 259 3.60 4.00 -25.40
C ASN A 259 4.88 3.35 -25.90
N VAL A 260 5.22 2.15 -25.41
CA VAL A 260 6.30 1.36 -26.00
C VAL A 260 5.94 0.97 -27.42
N LYS A 261 6.89 1.15 -28.36
CA LYS A 261 6.77 0.68 -29.74
C LYS A 261 7.33 -0.75 -29.80
N ILE A 262 6.42 -1.73 -29.76
CA ILE A 262 6.81 -3.15 -29.78
C ILE A 262 7.84 -3.48 -30.85
N PRO A 263 7.70 -3.03 -32.09
CA PRO A 263 8.70 -3.33 -33.12
C PRO A 263 10.13 -3.03 -32.75
N VAL A 264 10.36 -1.79 -32.29
CA VAL A 264 11.67 -1.40 -31.80
C VAL A 264 12.15 -2.36 -30.74
N LEU A 265 11.29 -2.66 -29.77
CA LEU A 265 11.68 -3.53 -28.62
C LEU A 265 12.12 -4.87 -29.18
N CYS A 266 11.44 -5.32 -30.25
CA CYS A 266 11.76 -6.60 -30.88
C CYS A 266 13.09 -6.55 -31.62
N LYS A 267 13.42 -5.39 -32.17
CA LYS A 267 14.73 -5.23 -32.79
C LYS A 267 15.83 -5.18 -31.75
N LEU A 268 15.62 -4.47 -30.64
CA LEU A 268 16.55 -4.51 -29.52
C LEU A 268 16.76 -5.92 -29.05
N ILE A 269 15.69 -6.71 -29.03
CA ILE A 269 15.82 -8.08 -28.58
C ILE A 269 16.78 -8.81 -29.47
N GLN A 270 16.45 -8.83 -30.76
CA GLN A 270 17.23 -9.60 -31.72
C GLN A 270 18.69 -9.17 -31.71
N SER A 271 18.93 -7.88 -31.49
CA SER A 271 20.23 -7.22 -31.49
C SER A 271 21.19 -7.65 -30.37
N ILE A 272 20.73 -8.39 -29.36
CA ILE A 272 21.59 -8.92 -28.29
C ILE A 272 22.62 -9.91 -28.84
N PRO A 273 23.87 -9.89 -28.36
CA PRO A 273 24.84 -10.91 -28.79
C PRO A 273 24.45 -12.31 -28.29
N THR A 274 24.63 -13.32 -29.16
CA THR A 274 24.12 -14.66 -28.88
C THR A 274 24.91 -15.39 -27.80
N HIS A 275 26.08 -14.87 -27.39
CA HIS A 275 26.74 -15.49 -26.25
C HIS A 275 25.99 -15.12 -24.97
N LEU A 276 25.23 -14.03 -25.04
CA LEU A 276 24.40 -13.47 -23.98
C LEU A 276 23.00 -14.08 -23.94
N LEU A 277 22.28 -14.00 -25.06
CA LEU A 277 20.89 -14.44 -25.19
C LEU A 277 20.74 -15.31 -26.43
N ASP A 278 20.39 -16.58 -26.19
CA ASP A 278 20.22 -17.63 -27.24
C ASP A 278 19.11 -17.19 -28.19
N SER A 279 19.26 -17.52 -29.48
CA SER A 279 18.31 -17.08 -30.50
C SER A 279 16.89 -17.61 -30.24
N GLU A 280 16.80 -18.84 -29.71
CA GLU A 280 15.53 -19.43 -29.33
C GLU A 280 14.83 -18.59 -28.31
N LYS A 281 15.58 -18.17 -27.26
CA LYS A 281 15.02 -17.34 -26.17
C LYS A 281 14.61 -15.95 -26.71
N LYS A 282 15.50 -15.34 -27.51
CA LYS A 282 15.22 -14.09 -28.21
C LYS A 282 13.86 -14.18 -28.85
N ASN A 283 13.68 -15.25 -29.62
CA ASN A 283 12.45 -15.48 -30.35
C ASN A 283 11.27 -15.80 -29.41
N PHE A 284 11.53 -16.36 -28.22
CA PHE A 284 10.40 -16.64 -27.32
C PHE A 284 9.82 -15.33 -26.79
N ILE A 285 10.71 -14.43 -26.37
CA ILE A 285 10.27 -13.11 -25.96
C ILE A 285 9.63 -12.38 -27.10
N VAL A 286 10.12 -12.61 -28.30
CA VAL A 286 9.61 -11.74 -29.35
C VAL A 286 8.19 -12.16 -29.67
N ASP A 287 7.89 -13.49 -29.74
CA ASP A 287 6.47 -13.74 -29.96
C ASP A 287 5.67 -13.75 -28.66
N HIS A 288 6.32 -13.79 -27.49
CA HIS A 288 5.64 -13.54 -26.22
C HIS A 288 5.04 -12.15 -26.17
N ILE A 289 5.89 -11.14 -26.36
CA ILE A 289 5.38 -9.78 -26.33
C ILE A 289 4.67 -9.40 -27.63
N SER A 290 4.86 -10.19 -28.72
CA SER A 290 4.18 -9.90 -29.97
C SER A 290 2.82 -10.59 -30.06
N ASN A 291 2.52 -11.48 -29.14
CA ASN A 291 1.27 -12.19 -29.11
C ASN A 291 0.69 -12.27 -27.67
N GLN A 292 0.22 -11.11 -27.16
CA GLN A 292 -0.29 -10.99 -25.79
C GLN A 292 -1.82 -11.14 -25.81
N PHE A 293 -2.32 -12.31 -25.35
CA PHE A 293 -3.74 -12.66 -25.42
C PHE A 293 -4.36 -12.77 -24.03
N VAL A 294 -5.59 -12.28 -23.91
CA VAL A 294 -6.19 -11.86 -22.65
C VAL A 294 -7.68 -12.18 -22.64
N ALA A 295 -8.17 -12.73 -21.57
CA ALA A 295 -9.58 -13.08 -21.42
C ALA A 295 -10.41 -12.01 -20.71
N PHE A 296 -11.50 -11.57 -21.35
CA PHE A 296 -12.42 -10.56 -20.74
C PHE A 296 -13.65 -11.30 -20.19
N ARG A 297 -14.85 -10.89 -20.60
CA ARG A 297 -16.08 -11.57 -20.19
C ARG A 297 -16.34 -12.75 -21.13
N ARG A 298 -15.70 -13.88 -20.82
CA ARG A 298 -15.86 -15.12 -21.63
C ARG A 298 -15.49 -14.85 -23.10
N LYS A 299 -14.44 -14.06 -23.32
CA LYS A 299 -13.96 -13.70 -24.69
C LYS A 299 -12.45 -13.53 -24.63
N ILE A 300 -11.74 -13.93 -25.69
CA ILE A 300 -10.27 -13.83 -25.68
C ILE A 300 -9.87 -12.79 -26.73
N TYR A 301 -9.17 -11.75 -26.28
CA TYR A 301 -8.70 -10.58 -27.02
C TYR A 301 -7.18 -10.52 -27.13
N LYS A 302 -6.71 -9.75 -28.11
CA LYS A 302 -5.28 -9.43 -28.28
C LYS A 302 -4.99 -8.03 -27.79
N TRP A 303 -3.99 -7.94 -26.92
CA TRP A 303 -3.52 -6.66 -26.41
C TRP A 303 -2.40 -6.14 -27.30
N ASN A 304 -2.67 -5.00 -27.97
CA ASN A 304 -1.59 -4.29 -28.66
C ASN A 304 -1.68 -2.79 -28.32
N HIS A 305 -1.33 -2.42 -27.07
CA HIS A 305 -0.90 -1.05 -26.79
C HIS A 305 0.33 -1.21 -25.92
N GLY A 306 1.47 -1.45 -26.56
CA GLY A 306 2.67 -1.57 -25.79
C GLY A 306 2.59 -2.84 -24.97
N LEU A 307 3.10 -2.72 -23.76
CA LEU A 307 3.25 -3.83 -22.86
C LEU A 307 2.08 -3.95 -21.89
N LEU A 308 1.71 -5.18 -21.66
CA LEU A 308 0.65 -5.50 -20.74
C LEU A 308 1.15 -5.27 -19.31
N GLN A 309 0.53 -4.34 -18.60
CA GLN A 309 0.83 -4.29 -17.18
C GLN A 309 0.36 -5.60 -16.60
N GLY A 310 1.12 -6.17 -15.67
CA GLY A 310 0.76 -7.44 -15.09
C GLY A 310 1.46 -8.65 -15.70
N ASP A 311 2.08 -8.51 -16.85
CA ASP A 311 2.88 -9.60 -17.41
C ASP A 311 4.25 -9.62 -16.71
N PRO A 312 4.84 -10.80 -16.48
CA PRO A 312 6.09 -10.84 -15.70
C PRO A 312 7.26 -10.24 -16.43
N LEU A 313 7.18 -10.16 -17.74
CA LEU A 313 8.26 -9.65 -18.55
C LEU A 313 8.12 -8.19 -18.82
N SER A 314 6.94 -7.66 -18.57
CA SER A 314 6.70 -6.31 -19.01
C SER A 314 7.67 -5.35 -18.37
N GLY A 315 7.99 -5.59 -17.09
CA GLY A 315 8.86 -4.65 -16.39
C GLY A 315 10.25 -4.48 -16.92
N CYS A 316 10.95 -5.59 -16.97
CA CYS A 316 12.32 -5.60 -17.42
C CYS A 316 12.42 -5.19 -18.89
N LEU A 317 11.46 -5.63 -19.71
CA LEU A 317 11.45 -5.27 -21.12
C LEU A 317 11.24 -3.77 -21.36
N CYS A 318 10.36 -3.15 -20.55
CA CYS A 318 10.21 -1.72 -20.63
C CYS A 318 11.48 -1.02 -20.20
N GLU A 319 12.16 -1.58 -19.20
CA GLU A 319 13.45 -1.01 -18.73
C GLU A 319 14.41 -0.95 -19.92
N LEU A 320 14.58 -2.07 -20.63
CA LEU A 320 15.44 -2.13 -21.80
C LEU A 320 15.10 -1.05 -22.82
N TYR A 321 13.82 -0.96 -23.15
CA TYR A 321 13.36 0.03 -24.09
C TYR A 321 13.85 1.39 -23.72
N MET A 322 13.54 1.78 -22.48
CA MET A 322 13.86 3.13 -21.95
C MET A 322 15.38 3.36 -21.94
N ALA A 323 16.15 2.36 -21.48
CA ALA A 323 17.61 2.52 -21.37
C ALA A 323 18.14 2.87 -22.77
N PHE A 324 17.62 2.19 -23.79
CA PHE A 324 18.03 2.44 -25.20
C PHE A 324 17.63 3.86 -25.62
N MET A 325 16.42 4.28 -25.24
CA MET A 325 15.94 5.65 -25.57
C MET A 325 16.91 6.66 -24.96
N ASP A 326 17.19 6.48 -23.67
CA ASP A 326 18.12 7.33 -22.88
C ASP A 326 19.40 7.52 -23.69
N ARG A 327 20.00 6.43 -24.18
CA ARG A 327 21.20 6.57 -25.00
C ARG A 327 20.95 7.53 -26.16
N LEU A 328 19.81 7.35 -26.81
CA LEU A 328 19.48 8.18 -27.97
C LEU A 328 19.37 9.67 -27.66
N TYR A 329 18.70 10.05 -26.59
CA TYR A 329 18.28 11.43 -26.47
C TYR A 329 18.91 12.23 -25.34
N PHE A 330 19.50 11.59 -24.33
CA PHE A 330 19.95 12.27 -23.13
C PHE A 330 21.42 11.98 -22.78
N SER A 331 22.14 11.26 -23.64
CA SER A 331 23.55 11.00 -23.40
C SER A 331 24.39 12.29 -23.31
N ASN A 332 24.13 13.25 -24.18
CA ASN A 332 24.88 14.50 -24.13
C ASN A 332 24.10 15.46 -23.26
N LEU A 333 24.41 15.48 -21.98
CA LEU A 333 23.90 16.58 -21.21
C LEU A 333 25.09 17.11 -20.42
N ASP A 334 24.93 18.31 -19.85
CA ASP A 334 26.08 18.86 -19.10
C ASP A 334 26.48 17.83 -18.04
N LYS A 335 27.78 17.56 -17.91
CA LYS A 335 28.31 16.56 -16.94
C LYS A 335 27.97 17.03 -15.52
N ASP A 336 28.07 18.33 -15.27
CA ASP A 336 27.77 18.93 -13.95
C ASP A 336 26.31 18.69 -13.57
N ALA A 337 25.38 18.75 -14.54
CA ALA A 337 24.00 18.59 -14.13
C ALA A 337 23.80 17.19 -13.56
N PHE A 338 22.64 17.04 -12.94
CA PHE A 338 22.15 15.87 -12.24
C PHE A 338 20.96 15.34 -13.00
N ILE A 339 20.98 14.03 -13.23
CA ILE A 339 19.84 13.35 -13.83
C ILE A 339 19.74 11.94 -13.24
N HIS A 340 18.49 11.50 -13.05
CA HIS A 340 18.16 10.16 -12.51
C HIS A 340 16.74 9.78 -12.95
N ARG A 341 16.52 8.51 -13.31
CA ARG A 341 15.22 8.04 -13.79
C ARG A 341 14.81 6.76 -13.06
N THR A 342 13.50 6.47 -13.04
CA THR A 342 12.98 5.20 -12.47
C THR A 342 12.40 4.37 -13.63
N VAL A 343 11.09 4.14 -13.66
CA VAL A 343 10.46 3.39 -14.77
C VAL A 343 9.81 4.38 -15.75
N ASP A 344 9.22 5.47 -15.23
CA ASP A 344 8.55 6.48 -16.07
C ASP A 344 8.54 7.83 -15.33
N ASP A 345 9.57 8.08 -14.52
CA ASP A 345 9.70 9.36 -13.75
C ASP A 345 11.13 9.88 -13.95
N TYR A 346 11.27 10.99 -14.70
CA TYR A 346 12.62 11.55 -14.97
C TYR A 346 12.86 12.78 -14.09
N PHE A 347 13.99 12.82 -13.38
CA PHE A 347 14.32 13.99 -12.56
C PHE A 347 15.63 14.60 -13.06
N PHE A 348 15.59 15.89 -13.46
CA PHE A 348 16.76 16.58 -14.02
C PHE A 348 16.98 17.92 -13.34
N CYS A 349 18.25 18.16 -12.92
CA CYS A 349 18.69 19.38 -12.23
C CYS A 349 19.97 19.97 -12.81
N SER A 350 19.99 21.29 -12.98
CA SER A 350 21.12 22.08 -13.49
C SER A 350 21.03 23.47 -12.85
N PRO A 351 22.14 24.18 -12.68
CA PRO A 351 22.07 25.55 -12.15
C PRO A 351 21.59 26.63 -13.14
N HIS A 352 21.39 26.32 -14.43
CA HIS A 352 20.90 27.22 -15.49
C HIS A 352 19.43 26.96 -15.83
N PRO A 353 18.56 27.99 -15.82
CA PRO A 353 17.12 27.78 -16.14
C PRO A 353 16.87 27.22 -17.53
N HIS A 354 17.64 27.67 -18.51
CA HIS A 354 17.39 27.23 -19.87
C HIS A 354 17.68 25.74 -20.04
N LYS A 355 18.74 25.20 -19.41
CA LYS A 355 19.03 23.75 -19.53
C LYS A 355 17.89 22.87 -19.02
N VAL A 356 17.18 23.29 -17.99
CA VAL A 356 15.99 22.56 -17.53
C VAL A 356 14.83 22.80 -18.48
N TYR A 357 14.69 24.04 -18.94
CA TYR A 357 13.61 24.32 -19.87
C TYR A 357 13.77 23.48 -21.14
N ASP A 358 15.01 23.40 -21.65
CA ASP A 358 15.31 22.59 -22.83
C ASP A 358 15.04 21.13 -22.54
N PHE A 359 15.38 20.70 -21.32
CA PHE A 359 15.16 19.31 -20.97
C PHE A 359 13.67 19.01 -21.06
N GLU A 360 12.86 19.96 -20.59
CA GLU A 360 11.41 19.81 -20.67
C GLU A 360 10.94 19.65 -22.11
N LEU A 361 11.54 20.46 -23.01
CA LEU A 361 11.20 20.43 -24.48
C LEU A 361 11.71 19.10 -25.15
N LEU A 362 12.93 18.71 -24.77
CA LEU A 362 13.62 17.50 -25.36
C LEU A 362 12.74 16.28 -25.01
N ILE A 363 12.31 16.20 -23.75
CA ILE A 363 11.46 15.14 -23.28
C ILE A 363 10.09 15.18 -23.97
N LYS A 364 9.51 16.39 -24.17
CA LYS A 364 8.16 16.48 -24.74
C LYS A 364 8.09 16.12 -26.22
N GLY A 365 9.19 16.30 -26.95
CA GLY A 365 9.31 15.91 -28.36
C GLY A 365 9.35 14.41 -28.56
N VAL A 366 9.72 13.67 -27.52
CA VAL A 366 9.89 12.22 -27.57
C VAL A 366 8.70 11.46 -26.97
N TYR A 367 8.16 11.97 -25.84
CA TYR A 367 7.10 11.32 -25.06
C TYR A 367 5.85 12.14 -24.86
N GLN A 368 4.70 11.44 -24.77
CA GLN A 368 3.47 12.00 -24.21
C GLN A 368 3.48 11.87 -22.67
N VAL A 369 3.42 13.00 -21.96
CA VAL A 369 3.49 13.04 -20.50
C VAL A 369 2.12 13.28 -19.85
N ASN A 370 2.09 13.22 -18.51
CA ASN A 370 0.96 13.54 -17.65
C ASN A 370 1.23 14.94 -17.17
N PRO A 371 0.67 15.95 -17.83
CA PRO A 371 1.10 17.33 -17.59
C PRO A 371 0.74 17.83 -16.19
N THR A 372 -0.35 17.32 -15.64
CA THR A 372 -0.73 17.68 -14.27
C THR A 372 0.25 17.15 -13.27
N LYS A 373 1.00 16.09 -13.63
CA LYS A 373 1.98 15.47 -12.71
C LYS A 373 3.35 16.18 -12.77
N THR A 374 3.52 17.14 -13.67
CA THR A 374 4.80 17.84 -13.80
C THR A 374 4.98 18.87 -12.70
N ARG A 375 6.20 18.90 -12.14
CA ARG A 375 6.62 19.74 -11.01
C ARG A 375 7.94 20.46 -11.31
N THR A 376 8.00 21.78 -11.00
CA THR A 376 9.11 22.67 -11.40
C THR A 376 9.25 23.93 -10.58
N ASN A 377 10.50 24.38 -10.41
CA ASN A 377 10.78 25.68 -9.79
C ASN A 377 11.02 26.78 -10.85
N LEU A 378 10.91 26.45 -12.14
CA LEU A 378 11.04 27.42 -13.26
C LEU A 378 10.05 28.58 -13.14
N PRO A 379 10.53 29.82 -13.10
CA PRO A 379 9.69 30.95 -12.68
C PRO A 379 8.57 31.27 -13.66
N THR A 380 8.58 30.68 -14.84
CA THR A 380 7.56 30.97 -15.85
C THR A 380 6.64 29.78 -16.02
N HIS A 381 6.74 28.81 -15.14
CA HIS A 381 5.69 27.84 -14.97
C HIS A 381 4.51 28.38 -14.19
N ARG A 382 3.32 27.81 -14.49
CA ARG A 382 2.09 28.37 -13.96
C ARG A 382 1.88 28.09 -12.47
N HIS A 383 2.50 27.02 -11.93
CA HIS A 383 2.42 26.68 -10.50
C HIS A 383 3.79 26.22 -10.03
N PRO A 384 4.79 27.11 -10.03
CA PRO A 384 6.13 26.63 -9.71
C PRO A 384 6.25 26.46 -8.21
N GLN A 385 7.07 25.49 -7.82
CA GLN A 385 7.30 25.08 -6.44
C GLN A 385 8.80 24.90 -6.25
N ASP A 386 9.27 24.92 -4.99
CA ASP A 386 10.67 24.64 -4.71
C ASP A 386 10.93 23.18 -4.38
N GLU A 387 9.90 22.47 -3.91
CA GLU A 387 9.96 21.04 -3.58
C GLU A 387 9.34 20.18 -4.69
N ILE A 388 10.11 19.20 -5.17
CA ILE A 388 9.80 18.22 -6.21
C ILE A 388 9.63 16.83 -5.58
N PRO A 389 8.43 16.23 -5.63
CA PRO A 389 8.29 14.82 -5.21
C PRO A 389 8.95 13.92 -6.23
N TYR A 390 9.72 13.01 -5.73
CA TYR A 390 10.24 12.04 -6.69
C TYR A 390 10.56 10.85 -5.84
N CYS A 391 10.26 9.63 -6.37
CA CYS A 391 10.80 8.36 -5.87
C CYS A 391 10.54 8.19 -4.38
N GLY A 392 9.34 8.57 -3.93
CA GLY A 392 9.00 8.43 -2.54
C GLY A 392 9.62 9.44 -1.59
N LYS A 393 10.47 10.34 -2.09
CA LYS A 393 11.11 11.43 -1.34
C LYS A 393 10.64 12.79 -1.90
N ILE A 394 10.92 13.86 -1.16
CA ILE A 394 10.51 15.24 -1.48
C ILE A 394 11.78 16.10 -1.44
N PHE A 395 12.33 16.44 -2.61
CA PHE A 395 13.57 17.23 -2.71
C PHE A 395 13.24 18.72 -2.78
N ASN A 396 13.86 19.53 -1.89
CA ASN A 396 13.73 20.99 -1.92
C ASN A 396 14.96 21.55 -2.63
N LEU A 397 14.74 22.15 -3.82
CA LEU A 397 15.84 22.60 -4.67
C LEU A 397 16.53 23.82 -4.13
N THR A 398 15.82 24.61 -3.35
CA THR A 398 16.46 25.76 -2.77
C THR A 398 17.36 25.34 -1.59
N THR A 399 16.71 24.83 -0.53
CA THR A 399 17.32 24.38 0.73
C THR A 399 18.22 23.15 0.49
N ARG A 400 17.89 22.34 -0.52
CA ARG A 400 18.63 21.08 -0.81
C ARG A 400 18.46 20.10 0.35
N GLN A 401 17.29 20.10 1.00
CA GLN A 401 16.98 19.19 2.13
C GLN A 401 15.94 18.19 1.62
N VAL A 402 16.17 16.89 1.83
CA VAL A 402 15.28 15.87 1.29
C VAL A 402 14.53 15.17 2.44
N ARG A 403 13.17 15.20 2.36
CA ARG A 403 12.23 14.56 3.28
C ARG A 403 11.64 13.30 2.65
N THR A 404 10.90 12.53 3.45
CA THR A 404 10.12 11.40 2.93
C THR A 404 8.73 11.88 2.44
N LEU A 405 8.28 11.26 1.36
CA LEU A 405 6.99 11.59 0.76
C LEU A 405 5.94 10.68 1.33
N TYR A 406 4.83 11.27 1.79
CA TYR A 406 3.83 10.45 2.43
C TYR A 406 2.58 10.48 1.59
N LYS A 407 2.01 9.30 1.35
CA LYS A 407 0.87 9.13 0.44
C LYS A 407 -0.33 8.88 1.33
N LEU A 408 -0.78 9.94 2.01
CA LEU A 408 -1.91 9.77 2.96
C LEU A 408 -3.02 10.77 2.65
N PRO A 409 -3.79 10.50 1.59
CA PRO A 409 -4.89 11.38 1.26
C PRO A 409 -5.65 11.78 2.50
N PRO A 410 -6.33 12.92 2.44
CA PRO A 410 -7.24 13.31 3.54
C PRO A 410 -8.30 12.23 3.73
N ASN A 411 -8.46 11.80 4.98
CA ASN A 411 -9.43 10.79 5.41
C ASN A 411 -9.01 9.39 5.02
N TYR A 412 -7.84 9.22 4.41
CA TYR A 412 -7.26 7.89 4.40
C TYR A 412 -7.33 7.33 5.83
N GLU A 413 -7.76 6.07 5.98
CA GLU A 413 -7.80 5.47 7.32
C GLU A 413 -6.47 4.81 7.49
N ILE A 414 -5.67 5.34 8.42
CA ILE A 414 -4.27 4.97 8.46
C ILE A 414 -4.02 3.54 8.91
N ARG A 415 -5.02 2.87 9.48
CA ARG A 415 -4.83 1.47 9.84
C ARG A 415 -4.51 0.58 8.64
N HIS A 416 -4.76 1.09 7.42
CA HIS A 416 -4.56 0.44 6.12
C HIS A 416 -3.11 0.44 5.66
N LYS A 417 -2.21 1.12 6.39
CA LYS A 417 -0.77 1.22 6.02
C LYS A 417 0.09 0.17 6.72
N PHE A 418 -0.51 -0.59 7.64
CA PHE A 418 0.11 -1.66 8.45
C PHE A 418 -0.54 -3.06 8.30
N LYS A 419 0.26 -4.04 7.88
CA LYS A 419 -0.24 -5.42 7.82
C LYS A 419 0.09 -6.09 9.16
N LEU A 420 -0.87 -6.06 10.10
CA LEU A 420 -0.60 -6.63 11.41
C LEU A 420 -0.89 -8.14 11.47
N TRP A 421 -1.68 -8.68 10.56
CA TRP A 421 -2.04 -10.08 10.61
C TRP A 421 -1.21 -10.87 9.60
N ASN A 422 -0.67 -12.01 10.05
CA ASN A 422 0.05 -12.95 9.18
C ASN A 422 -0.60 -14.34 9.25
N PHE A 423 -1.23 -14.78 8.13
CA PHE A 423 -1.90 -16.07 8.14
C PHE A 423 -0.99 -17.30 8.09
N ASN A 424 0.27 -17.17 7.71
CA ASN A 424 1.20 -18.29 7.66
C ASN A 424 1.88 -18.60 8.99
N ASN A 425 1.71 -17.74 10.01
CA ASN A 425 2.38 -17.70 11.32
C ASN A 425 1.44 -17.06 12.33
N GLN A 426 0.52 -17.87 12.87
CA GLN A 426 -0.63 -17.33 13.58
C GLN A 426 -0.30 -17.23 15.06
N ILE A 427 -0.87 -16.24 15.74
CA ILE A 427 -0.59 -15.97 17.14
C ILE A 427 -1.81 -16.33 17.96
N SER A 428 -1.58 -16.99 19.12
CA SER A 428 -2.67 -17.41 20.02
C SER A 428 -3.37 -16.19 20.63
N ASP A 429 -4.57 -16.39 21.19
CA ASP A 429 -5.36 -15.29 21.81
C ASP A 429 -4.77 -14.96 23.18
N ASP A 430 -4.07 -15.93 23.79
CA ASP A 430 -3.46 -15.73 25.13
C ASP A 430 -1.97 -15.40 24.97
N ASN A 431 -1.59 -14.86 23.81
CA ASN A 431 -0.18 -14.49 23.54
C ASN A 431 -0.15 -13.14 22.80
N PRO A 432 -0.73 -12.11 23.41
CA PRO A 432 -0.78 -10.76 22.81
C PRO A 432 0.57 -10.09 22.71
N ALA A 433 1.54 -10.59 23.50
CA ALA A 433 2.91 -10.05 23.57
C ALA A 433 3.63 -10.21 22.23
N ARG A 434 3.42 -11.36 21.58
CA ARG A 434 4.05 -11.63 20.25
C ARG A 434 3.32 -10.81 19.18
N PHE A 435 2.03 -10.51 19.43
CA PHE A 435 1.21 -9.72 18.48
C PHE A 435 1.58 -8.22 18.58
N LEU A 436 2.16 -7.79 19.71
CA LEU A 436 2.51 -6.38 19.83
C LEU A 436 3.98 -6.15 19.50
N GLN A 437 4.79 -7.22 19.58
CA GLN A 437 6.18 -7.16 19.13
C GLN A 437 6.30 -7.32 17.60
N LYS A 438 5.60 -8.29 16.99
CA LYS A 438 5.61 -8.42 15.52
C LYS A 438 5.17 -7.12 14.85
N ALA A 439 4.18 -6.44 15.44
CA ALA A 439 3.84 -5.08 15.01
C ALA A 439 5.05 -4.17 15.05
N MET A 440 5.95 -4.39 16.00
CA MET A 440 7.05 -3.48 16.27
C MET A 440 8.36 -3.91 15.61
N ASP A 441 8.37 -4.97 14.80
CA ASP A 441 9.56 -5.31 14.02
C ASP A 441 10.09 -4.05 13.31
N PHE A 442 11.42 -3.91 13.27
CA PHE A 442 12.07 -2.80 12.56
C PHE A 442 11.85 -2.78 11.05
N PRO A 443 11.93 -3.90 10.32
CA PRO A 443 11.99 -3.81 8.84
C PRO A 443 10.94 -2.92 8.18
N PHE A 444 9.86 -2.64 8.91
CA PHE A 444 8.75 -1.90 8.33
C PHE A 444 9.07 -0.40 8.15
N ILE A 445 9.83 0.23 9.03
CA ILE A 445 10.19 1.64 8.80
C ILE A 445 11.60 1.80 8.25
N CYS A 446 12.27 0.69 7.91
CA CYS A 446 13.67 0.77 7.51
C CYS A 446 13.89 1.65 6.28
N ASN A 447 12.92 1.69 5.36
CA ASN A 447 13.14 2.47 4.15
C ASN A 447 13.14 3.94 4.44
N SER A 448 12.88 4.26 5.69
CA SER A 448 13.00 5.63 6.13
C SER A 448 14.14 5.72 7.13
N PHE A 449 14.95 4.64 7.25
CA PHE A 449 16.14 4.53 8.12
C PHE A 449 17.33 4.17 7.27
N THR A 450 17.63 5.07 6.35
CA THR A 450 18.61 4.84 5.35
C THR A 450 19.53 6.05 5.37
N LYS A 451 20.66 5.88 4.74
CA LYS A 451 21.59 6.98 4.50
C LYS A 451 20.92 8.27 4.01
N PHE A 452 19.87 8.14 3.21
CA PHE A 452 19.22 9.31 2.62
C PHE A 452 18.64 10.29 3.63
N GLU A 453 17.91 9.81 4.63
CA GLU A 453 17.22 10.72 5.55
C GLU A 453 18.05 11.24 6.69
N PHE A 454 19.05 10.44 7.13
CA PHE A 454 19.83 10.70 8.37
C PHE A 454 21.23 11.33 8.11
N ASN A 455 21.76 11.22 6.88
CA ASN A 455 23.01 11.87 6.57
C ASN A 455 22.89 13.35 6.86
N THR A 456 24.00 13.94 7.21
CA THR A 456 24.15 15.38 7.32
C THR A 456 25.09 15.96 6.26
N VAL A 457 25.26 15.24 5.14
CA VAL A 457 26.13 15.68 4.04
C VAL A 457 25.56 16.93 3.34
N PHE A 458 24.35 16.82 2.80
CA PHE A 458 23.58 17.91 2.23
C PHE A 458 22.41 18.32 3.11
N ASN A 459 22.07 17.48 4.08
CA ASN A 459 20.95 17.69 4.99
C ASN A 459 21.37 18.48 6.22
N ASP A 460 20.52 19.41 6.64
CA ASP A 460 20.75 20.19 7.86
C ASP A 460 20.54 19.25 9.03
N GLN A 461 20.56 19.82 10.23
CA GLN A 461 20.02 19.12 11.38
C GLN A 461 18.56 19.43 11.55
N ARG A 462 18.14 20.61 11.09
CA ARG A 462 16.72 20.90 11.02
C ARG A 462 15.97 19.80 10.29
N THR A 463 16.61 19.22 9.28
CA THR A 463 15.91 18.21 8.49
C THR A 463 16.26 16.77 8.91
N VAL A 464 17.48 16.49 9.38
CA VAL A 464 17.75 15.16 9.93
C VAL A 464 16.89 14.93 11.16
N PHE A 465 16.51 16.01 11.87
CA PHE A 465 15.55 15.90 12.98
C PHE A 465 14.13 15.66 12.47
N ALA A 466 13.59 16.59 11.66
CA ALA A 466 12.20 16.45 11.27
C ALA A 466 11.91 15.12 10.57
N ASN A 467 12.88 14.59 9.81
CA ASN A 467 12.77 13.24 9.25
C ASN A 467 12.53 12.16 10.31
N PHE A 468 13.48 12.00 11.24
CA PHE A 468 13.36 10.94 12.23
C PHE A 468 12.05 11.09 13.01
N TYR A 469 11.65 12.34 13.25
CA TYR A 469 10.38 12.67 13.97
C TYR A 469 9.16 12.18 13.17
N ASP A 470 9.13 12.41 11.85
CA ASP A 470 8.01 11.98 11.02
C ASP A 470 7.91 10.45 10.92
N ALA A 471 9.07 9.80 10.81
CA ALA A 471 9.11 8.33 10.80
C ALA A 471 8.51 7.79 12.09
N MET A 472 8.79 8.46 13.20
CA MET A 472 8.32 7.90 14.44
C MET A 472 6.82 8.15 14.65
N ILE A 473 6.28 9.27 14.14
CA ILE A 473 4.82 9.48 14.13
C ILE A 473 4.14 8.29 13.47
N CYS A 474 4.81 7.74 12.45
CA CYS A 474 4.23 6.61 11.75
C CYS A 474 4.26 5.34 12.59
N VAL A 475 5.40 5.06 13.23
CA VAL A 475 5.48 3.89 14.12
C VAL A 475 4.43 3.98 15.22
N ALA A 476 4.11 5.20 15.66
CA ALA A 476 3.03 5.43 16.62
C ALA A 476 1.67 5.00 16.06
N TYR A 477 1.27 5.56 14.92
CA TYR A 477 -0.01 5.14 14.37
C TYR A 477 -0.11 3.64 14.22
N LYS A 478 1.02 2.99 13.90
CA LYS A 478 1.01 1.53 13.81
C LYS A 478 0.84 0.91 15.17
N PHE A 479 1.45 1.51 16.19
CA PHE A 479 1.24 1.06 17.55
C PHE A 479 -0.25 1.16 17.93
N ASP A 480 -0.88 2.29 17.60
CA ASP A 480 -2.30 2.46 17.89
C ASP A 480 -3.18 1.42 17.18
N ALA A 481 -2.91 1.16 15.91
CA ALA A 481 -3.68 0.14 15.22
C ALA A 481 -3.47 -1.22 15.85
N ALA A 482 -2.21 -1.54 16.21
CA ALA A 482 -1.93 -2.82 16.84
C ALA A 482 -2.67 -2.94 18.16
N MET A 483 -2.79 -1.82 18.86
CA MET A 483 -3.50 -1.84 20.12
C MET A 483 -4.96 -2.17 19.88
N MET A 484 -5.59 -1.51 18.91
CA MET A 484 -6.99 -1.81 18.74
C MET A 484 -7.23 -3.17 18.11
N ALA A 485 -6.20 -3.78 17.55
CA ALA A 485 -6.29 -5.19 17.28
C ALA A 485 -6.13 -6.02 18.54
N LEU A 486 -5.32 -5.56 19.49
CA LEU A 486 -5.23 -6.27 20.77
C LEU A 486 -6.52 -6.14 21.56
N ARG A 487 -7.13 -4.96 21.47
CA ARG A 487 -8.35 -4.66 22.20
C ARG A 487 -9.54 -5.37 21.63
N THR A 488 -9.65 -5.38 20.30
CA THR A 488 -10.87 -5.84 19.63
C THR A 488 -10.78 -7.30 19.20
N SER A 489 -9.57 -7.87 19.10
CA SER A 489 -9.45 -9.29 18.75
C SER A 489 -8.83 -10.13 19.86
N PHE A 490 -7.72 -9.68 20.51
CA PHE A 490 -7.19 -10.40 21.68
C PHE A 490 -7.98 -10.19 22.94
N LEU A 491 -8.73 -9.09 22.97
CA LEU A 491 -9.64 -8.69 24.04
C LEU A 491 -8.90 -8.57 25.38
N VAL A 492 -7.61 -8.25 25.34
CA VAL A 492 -6.81 -8.13 26.56
C VAL A 492 -7.27 -6.96 27.43
N ASN A 493 -7.14 -7.15 28.76
CA ASN A 493 -7.28 -6.12 29.78
C ASN A 493 -6.01 -5.91 30.58
N ASP A 494 -5.00 -6.78 30.40
CA ASP A 494 -3.70 -6.58 31.03
C ASP A 494 -2.83 -5.83 30.03
N PHE A 495 -2.71 -4.52 30.26
CA PHE A 495 -1.85 -3.57 29.55
C PHE A 495 -0.56 -3.30 30.29
N GLY A 496 0.00 -4.36 30.88
CA GLY A 496 1.27 -4.25 31.65
C GLY A 496 2.44 -4.86 30.87
N PHE A 497 2.14 -5.73 29.91
CA PHE A 497 3.19 -6.38 29.08
C PHE A 497 3.31 -5.67 27.73
N ILE A 498 2.89 -4.40 27.69
CA ILE A 498 2.95 -3.59 26.44
C ILE A 498 4.08 -2.55 26.57
N TRP A 499 4.28 -2.04 27.80
CA TRP A 499 5.34 -1.03 28.06
C TRP A 499 6.71 -1.64 27.75
N LEU A 500 6.84 -2.96 27.89
CA LEU A 500 8.11 -3.66 27.62
C LEU A 500 8.57 -3.35 26.22
N VAL A 501 7.78 -3.77 25.24
CA VAL A 501 8.23 -3.54 23.88
C VAL A 501 8.18 -2.04 23.54
N LEU A 502 7.33 -1.25 24.22
CA LEU A 502 7.31 0.21 24.02
C LEU A 502 8.68 0.89 24.24
N SER A 503 9.22 0.77 25.44
CA SER A 503 10.51 1.40 25.68
C SER A 503 11.67 0.58 25.09
N SER A 504 11.51 -0.76 25.05
CA SER A 504 12.41 -1.73 24.41
C SER A 504 12.58 -1.50 22.90
N THR A 505 11.70 -0.68 22.30
CA THR A 505 11.86 -0.24 20.92
C THR A 505 12.22 1.27 20.77
N VAL A 506 11.82 2.15 21.70
CA VAL A 506 12.35 3.54 21.60
C VAL A 506 13.87 3.55 21.81
N ARG A 507 14.38 2.54 22.52
CA ARG A 507 15.84 2.46 22.70
C ARG A 507 16.50 2.01 21.39
N ALA A 508 16.10 0.84 20.89
CA ALA A 508 16.64 0.30 19.61
C ALA A 508 16.21 1.23 18.43
N TYR A 509 14.95 1.69 18.47
CA TYR A 509 14.39 2.57 17.42
C TYR A 509 15.20 3.86 17.39
N ALA A 510 15.51 4.42 18.57
CA ALA A 510 16.38 5.65 18.69
C ALA A 510 17.89 5.33 18.40
N SER A 511 18.43 4.22 18.93
CA SER A 511 19.89 3.86 18.74
C SER A 511 20.24 3.65 17.23
N ARG A 512 19.32 3.02 16.49
CA ARG A 512 19.54 2.75 15.05
C ARG A 512 19.75 4.09 14.32
N ALA A 513 19.05 5.14 14.76
CA ALA A 513 19.21 6.45 14.14
C ALA A 513 20.58 7.01 14.46
N PHE A 514 21.27 6.43 15.45
CA PHE A 514 22.61 6.89 15.78
C PHE A 514 23.58 6.28 14.78
N LYS A 515 23.66 4.94 14.73
CA LYS A 515 24.67 4.27 13.84
C LYS A 515 24.42 4.69 12.36
N LYS A 516 23.16 4.69 11.93
CA LYS A 516 22.76 5.06 10.52
C LYS A 516 23.00 6.58 10.27
N ILE A 517 22.66 7.41 11.27
CA ILE A 517 22.80 8.91 11.20
C ILE A 517 24.29 9.31 11.29
N VAL A 518 25.04 8.65 12.18
CA VAL A 518 26.50 8.95 12.44
C VAL A 518 27.42 8.43 11.28
N THR A 519 27.13 7.25 10.68
CA THR A 519 27.95 6.65 9.56
C THR A 519 27.87 7.61 8.35
N TYR A 520 26.84 8.46 8.27
CA TYR A 520 26.72 9.34 7.10
C TYR A 520 26.76 10.83 7.53
N LYS A 521 27.75 11.18 8.36
CA LYS A 521 28.02 12.57 8.71
C LYS A 521 28.51 13.33 7.49
N GLY A 522 28.24 14.64 7.50
CA GLY A 522 28.60 15.52 6.41
C GLY A 522 28.81 16.93 6.92
N GLY A 523 29.08 17.87 6.01
CA GLY A 523 29.50 19.21 6.38
C GLY A 523 28.43 20.09 7.06
N LYS A 524 27.15 19.69 7.03
CA LYS A 524 26.04 20.32 7.77
C LYS A 524 25.72 19.57 9.06
N TYR A 525 26.55 18.57 9.44
CA TYR A 525 26.38 17.78 10.68
C TYR A 525 26.70 18.71 11.82
N ARG A 526 25.77 18.86 12.75
CA ARG A 526 26.12 19.66 13.90
C ARG A 526 26.38 18.66 15.04
N LYS A 527 25.38 18.44 15.91
CA LYS A 527 25.54 17.43 17.00
C LYS A 527 24.21 16.75 17.35
N VAL A 528 24.13 15.42 17.21
CA VAL A 528 22.93 14.67 17.61
C VAL A 528 23.28 13.75 18.78
N THR A 529 22.25 13.42 19.59
CA THR A 529 22.43 12.75 20.88
C THR A 529 21.47 11.57 21.05
N PHE A 530 21.97 10.39 21.48
CA PHE A 530 21.11 9.23 21.79
C PHE A 530 19.82 9.53 22.56
N GLN A 531 19.87 10.34 23.64
CA GLN A 531 18.62 10.61 24.34
C GLN A 531 17.86 11.83 23.79
N CYS A 532 18.50 12.53 22.85
CA CYS A 532 17.84 13.61 22.04
C CYS A 532 16.82 12.90 21.11
N LEU A 533 17.21 11.72 20.61
CA LEU A 533 16.42 10.86 19.75
C LEU A 533 15.37 10.11 20.58
N LYS A 534 15.77 9.47 21.69
CA LYS A 534 14.74 8.83 22.50
C LYS A 534 13.69 9.84 22.99
N SER A 535 14.05 11.14 23.11
CA SER A 535 13.08 12.16 23.56
C SER A 535 12.19 12.64 22.40
N ILE A 536 12.77 12.80 21.21
CA ILE A 536 11.96 13.08 20.02
C ILE A 536 10.91 11.97 19.88
N ALA A 537 11.36 10.72 19.97
CA ALA A 537 10.51 9.53 19.87
C ALA A 537 9.33 9.59 20.87
N TRP A 538 9.66 9.72 22.16
CA TRP A 538 8.64 9.79 23.21
C TRP A 538 7.71 11.03 23.08
N ARG A 539 8.14 12.13 22.42
CA ARG A 539 7.26 13.29 22.17
C ARG A 539 6.39 13.11 20.92
N ALA A 540 6.82 12.20 20.04
CA ALA A 540 6.00 11.82 18.90
C ALA A 540 4.82 10.95 19.35
N PHE A 541 5.13 9.86 20.07
CA PHE A 541 4.05 9.11 20.72
C PHE A 541 3.11 10.04 21.48
N LEU A 542 3.64 11.03 22.23
CA LEU A 542 2.80 12.03 22.89
C LEU A 542 1.78 12.66 21.92
N ALA A 543 2.31 13.31 20.87
CA ALA A 543 1.46 14.06 19.95
C ALA A 543 0.47 13.17 19.22
N VAL A 544 0.72 11.87 19.17
CA VAL A 544 -0.18 11.01 18.40
C VAL A 544 -1.25 10.46 19.34
N LEU A 545 -0.80 9.77 20.41
CA LEU A 545 -1.67 9.15 21.41
C LEU A 545 -2.68 10.10 22.01
N LYS A 546 -2.41 11.41 21.98
CA LYS A 546 -3.42 12.32 22.50
C LYS A 546 -4.72 12.32 21.67
N ARG A 547 -4.77 11.64 20.50
CA ARG A 547 -5.98 11.59 19.68
C ARG A 547 -7.04 10.60 20.21
N ARG A 548 -6.63 9.60 20.99
CA ARG A 548 -7.56 8.77 21.78
C ARG A 548 -7.09 8.93 23.21
N THR A 549 -7.37 10.13 23.75
CA THR A 549 -6.80 10.47 25.03
C THR A 549 -7.39 9.56 26.09
N GLU A 550 -8.70 9.35 26.05
CA GLU A 550 -9.34 8.51 27.06
C GLU A 550 -8.74 7.11 27.22
N ILE A 551 -8.53 6.37 26.13
CA ILE A 551 -7.83 5.08 26.33
C ILE A 551 -6.35 5.29 26.72
N TYR A 552 -5.74 6.49 26.50
CA TYR A 552 -4.28 6.53 26.60
C TYR A 552 -3.62 7.47 27.63
N LYS A 553 -4.32 8.46 28.18
CA LYS A 553 -3.90 9.41 29.24
C LYS A 553 -3.08 8.79 30.39
N GLY A 554 -3.49 7.58 30.82
CA GLY A 554 -2.73 6.83 31.83
C GLY A 554 -1.29 6.59 31.43
N LEU A 555 -1.08 6.22 30.19
CA LEU A 555 0.24 5.94 29.63
C LEU A 555 0.96 7.28 29.35
N ILE A 556 0.18 8.28 28.92
CA ILE A 556 0.73 9.64 28.61
C ILE A 556 0.92 10.41 29.93
N ASP A 557 0.13 10.07 30.95
CA ASP A 557 0.22 10.74 32.28
C ASP A 557 1.63 10.55 32.85
N ARG A 558 2.08 9.30 32.92
CA ARG A 558 3.44 8.97 33.46
C ARG A 558 4.50 9.44 32.47
N ILE A 559 4.17 9.41 31.18
CA ILE A 559 5.12 9.83 30.11
C ILE A 559 5.36 11.34 30.22
N LYS A 560 4.31 12.15 30.06
CA LYS A 560 4.42 13.63 30.16
C LYS A 560 5.11 13.99 31.46
N SER A 561 4.60 13.49 32.59
CA SER A 561 5.20 13.79 33.93
C SER A 561 6.71 13.50 33.90
N ARG A 562 7.52 14.56 33.90
CA ARG A 562 9.00 14.41 33.87
C ARG A 562 9.45 13.87 32.51
N GLU A 563 10.46 13.00 32.49
CA GLU A 563 11.02 12.47 31.22
C GLU A 563 12.09 13.44 30.67
N LYS A 564 12.30 14.58 31.34
CA LYS A 564 13.33 15.59 30.96
C LYS A 564 13.19 16.07 29.51
N LEU A 565 11.95 16.32 29.09
CA LEU A 565 11.63 16.81 27.72
C LEU A 565 12.15 18.25 27.59
N THR A 566 13.42 18.46 27.92
CA THR A 566 14.08 19.79 27.83
C THR A 566 14.11 20.22 26.36
N MET A 567 14.36 19.26 25.46
CA MET A 567 14.41 19.41 23.98
C MET A 567 15.55 20.35 23.57
N LYS A 568 16.65 20.38 24.33
CA LYS A 568 17.80 21.21 23.91
C LYS A 568 18.32 20.60 22.61
N PHE A 569 18.56 21.46 21.62
CA PHE A 569 19.17 21.12 20.31
C PHE A 569 20.42 22.00 20.16
N HIS A 570 21.56 21.37 19.83
CA HIS A 570 22.86 22.08 19.69
C HIS A 570 22.81 23.12 18.57
N ASP A 571 22.12 22.80 17.47
CA ASP A 571 22.06 23.66 16.25
C ASP A 571 21.41 25.03 16.53
N GLY A 572 20.36 25.11 17.34
CA GLY A 572 19.70 26.39 17.52
C GLY A 572 18.73 26.83 16.43
N GLU A 573 18.72 26.17 15.25
CA GLU A 573 17.83 26.61 14.17
C GLU A 573 16.90 25.45 13.85
N VAL A 574 16.83 24.48 14.76
CA VAL A 574 15.77 23.49 14.83
C VAL A 574 14.70 24.11 15.72
N ASP A 575 13.61 24.59 15.12
CA ASP A 575 12.71 25.43 15.95
C ASP A 575 12.33 24.67 17.22
N ALA A 576 12.03 23.37 17.07
CA ALA A 576 11.65 22.35 18.09
C ALA A 576 10.15 22.43 18.43
N SER A 577 9.46 23.45 17.91
CA SER A 577 7.99 23.61 18.04
C SER A 577 7.40 22.46 17.23
N TYR A 578 8.05 22.13 16.11
CA TYR A 578 7.51 21.03 15.31
C TYR A 578 7.29 19.74 16.12
N PHE A 579 8.13 19.52 17.14
CA PHE A 579 8.11 18.25 17.92
C PHE A 579 6.98 18.14 18.94
N CYS A 580 6.53 19.26 19.54
CA CYS A 580 5.50 19.15 20.57
C CYS A 580 4.25 18.46 20.04
N LYS A 581 3.70 18.95 18.93
CA LYS A 581 2.41 18.67 18.31
C LYS A 581 2.50 17.66 17.14
N LEU A 582 1.44 17.61 16.29
CA LEU A 582 1.31 16.68 15.16
C LEU A 582 1.58 17.35 13.82
N PRO A 583 2.53 16.86 13.02
CA PRO A 583 2.80 17.46 11.70
C PRO A 583 1.57 17.35 10.82
N GLU A 584 1.27 18.41 10.07
CA GLU A 584 -0.03 18.60 9.43
C GLU A 584 -0.55 17.38 8.63
N LYS A 585 0.37 16.58 8.07
CA LYS A 585 0.03 15.39 7.29
C LYS A 585 -0.81 14.35 8.04
N PHE A 586 -0.55 14.19 9.34
CA PHE A 586 -1.12 13.08 10.11
C PHE A 586 -2.31 13.45 10.97
N ARG A 587 -2.65 14.73 11.07
CA ARG A 587 -3.82 15.10 11.82
C ARG A 587 -5.13 14.72 11.11
N PHE A 588 -5.12 14.64 9.78
CA PHE A 588 -6.34 14.50 8.97
C PHE A 588 -6.55 13.11 8.39
N VAL A 589 -6.16 12.12 9.19
CA VAL A 589 -6.20 10.70 8.91
C VAL A 589 -7.19 10.09 9.90
N LYS A 590 -8.13 9.30 9.39
CA LYS A 590 -9.18 8.80 10.25
C LYS A 590 -8.61 7.60 10.99
N ILE A 591 -8.77 7.63 12.29
CA ILE A 591 -8.20 6.61 13.16
C ILE A 591 -9.28 5.71 13.69
N ASN A 592 -10.53 6.16 13.58
CA ASN A 592 -11.72 5.38 14.00
C ASN A 592 -12.18 4.49 12.83
N ARG A 593 -12.91 3.42 13.15
CA ARG A 593 -13.43 2.44 12.19
C ARG A 593 -14.94 2.42 12.19
N LYS A 594 -15.54 2.86 11.07
CA LYS A 594 -17.00 2.89 10.90
C LYS A 594 -17.33 2.65 9.42
N ALA A 595 -18.14 1.63 9.13
CA ALA A 595 -18.52 1.27 7.74
C ALA A 595 -19.46 2.34 7.17
N SER A 596 -19.03 2.99 6.08
CA SER A 596 -19.84 4.05 5.42
C SER A 596 -21.14 3.46 4.88
N ILE A 597 -21.07 2.27 4.28
CA ILE A 597 -22.28 1.60 3.70
C ILE A 597 -22.17 0.09 3.93
#